data_6KVH
#
_entry.id   6KVH
#
_cell.length_a   44.361
_cell.length_b   68.562
_cell.length_c   88.276
_cell.angle_alpha   90.000
_cell.angle_beta   90.000
_cell.angle_gamma   90.000
#
_symmetry.space_group_name_H-M   'P 21 21 21'
#
loop_
_entity.id
_entity.type
_entity.pdbx_description
1 polymer endo-polygalacturonase
2 non-polymer 2-acetamido-2-deoxy-beta-D-glucopyranose
3 non-polymer alpha-D-mannopyranose
4 water water
#
_entity_poly.entity_id   1
_entity_poly.type   'polypeptide(L)'
_entity_poly.pdbx_seq_one_letter_code
;APTAVEKRASCTFTDAASAMASKTACSTITLNNIAVPAGTTLDLTGLTSGTRVIFEGTTTFGYQEWSGPLVSISGTDITV
QGASGSVLDGDGARWWDGQGSNGGKTKPKFFYAHSLDSSSITGITIKNSPVQVFSIQSNNLSLTDITVDDADGDTQGGHN
TDAFDIGSSTYITITNANVHNQDDCIAVNSGENIIFTGGTCTGGHGLSIGSVGGRSDNTVKNVTIEHSTVTNSQNGVRIK
TVYGATGSVSEVTYSNIQMSGIANYGIVIEQDYENGSPTGTPTNGVPITDLTLNTVTGSVSSGATEIYILCGSGSCSSWT
WTGVSITGGSKSTKCENVPSGVSC
;
_entity_poly.pdbx_strand_id   A
#
# COMPACT_ATOMS: atom_id res chain seq x y z
N ALA A 9 10.71 -29.77 12.39
CA ALA A 9 9.47 -30.48 12.65
C ALA A 9 8.24 -29.64 12.27
N SER A 10 7.15 -30.32 11.96
CA SER A 10 5.90 -29.67 11.58
C SER A 10 4.98 -29.57 12.79
N CYS A 11 4.32 -28.42 12.93
CA CYS A 11 3.43 -28.18 14.06
C CYS A 11 2.17 -27.49 13.55
N THR A 12 1.02 -27.94 14.04
CA THR A 12 -0.26 -27.32 13.71
C THR A 12 -0.88 -26.78 14.99
N PHE A 13 -1.31 -25.52 14.95
CA PHE A 13 -1.84 -24.84 16.12
C PHE A 13 -3.25 -24.36 15.83
N THR A 14 -4.13 -24.54 16.81
CA THR A 14 -5.47 -23.98 16.75
C THR A 14 -5.68 -22.86 17.77
N ASP A 15 -4.63 -22.44 18.47
CA ASP A 15 -4.71 -21.29 19.35
C ASP A 15 -3.40 -20.51 19.30
N ALA A 16 -3.50 -19.21 19.52
CA ALA A 16 -2.35 -18.32 19.37
C ALA A 16 -1.30 -18.57 20.44
N ALA A 17 -1.71 -18.84 21.69
CA ALA A 17 -0.74 -18.99 22.77
C ALA A 17 0.21 -20.15 22.50
N SER A 18 -0.33 -21.28 22.03
CA SER A 18 0.53 -22.42 21.72
C SER A 18 1.48 -22.11 20.57
N ALA A 19 0.97 -21.44 19.53
CA ALA A 19 1.83 -21.09 18.40
C ALA A 19 2.98 -20.19 18.84
N MET A 20 2.68 -19.20 19.69
N MET A 20 2.68 -19.19 19.67
CA MET A 20 3.71 -18.26 20.11
CA MET A 20 3.73 -18.27 20.10
C MET A 20 4.72 -18.89 21.05
C MET A 20 4.75 -18.96 20.99
N ALA A 21 4.29 -19.87 21.86
CA ALA A 21 5.22 -20.55 22.76
C ALA A 21 6.17 -21.46 22.01
N SER A 22 5.72 -22.03 20.88
CA SER A 22 6.46 -23.10 20.22
C SER A 22 7.02 -22.71 18.84
N LYS A 23 6.86 -21.45 18.43
CA LYS A 23 7.17 -21.10 17.05
C LYS A 23 8.63 -21.37 16.69
N THR A 24 9.58 -21.11 17.61
CA THR A 24 10.97 -21.30 17.23
C THR A 24 11.37 -22.78 17.19
N ALA A 25 10.55 -23.68 17.73
CA ALA A 25 10.83 -25.10 17.71
C ALA A 25 10.22 -25.81 16.51
N CYS A 26 9.57 -25.09 15.61
CA CYS A 26 8.89 -25.66 14.46
C CYS A 26 9.47 -25.06 13.19
N SER A 27 9.73 -25.91 12.20
CA SER A 27 10.18 -25.41 10.90
C SER A 27 9.04 -25.26 9.90
N THR A 28 7.90 -25.89 10.15
CA THR A 28 6.67 -25.61 9.44
C THR A 28 5.59 -25.37 10.49
N ILE A 29 4.93 -24.22 10.41
CA ILE A 29 3.93 -23.81 11.37
C ILE A 29 2.62 -23.65 10.60
N THR A 30 1.62 -24.44 10.96
CA THR A 30 0.29 -24.31 10.37
C THR A 30 -0.64 -23.70 11.41
N LEU A 31 -1.34 -22.63 11.02
CA LEU A 31 -2.21 -21.86 11.91
C LEU A 31 -3.63 -22.11 11.41
N ASN A 32 -4.39 -22.92 12.14
CA ASN A 32 -5.69 -23.40 11.66
C ASN A 32 -6.81 -22.79 12.48
N ASN A 33 -7.59 -21.91 11.85
CA ASN A 33 -8.82 -21.38 12.44
C ASN A 33 -8.58 -20.69 13.78
N ILE A 34 -7.46 -19.97 13.91
CA ILE A 34 -7.12 -19.38 15.19
C ILE A 34 -7.98 -18.15 15.45
N ALA A 35 -8.54 -18.07 16.66
CA ALA A 35 -9.18 -16.87 17.18
C ALA A 35 -8.16 -16.13 18.04
N VAL A 36 -7.66 -14.99 17.55
CA VAL A 36 -6.60 -14.26 18.21
C VAL A 36 -7.22 -13.40 19.32
N PRO A 37 -6.73 -13.49 20.56
CA PRO A 37 -7.36 -12.74 21.65
C PRO A 37 -7.40 -11.23 21.39
N ALA A 38 -8.49 -10.61 21.80
CA ALA A 38 -8.67 -9.17 21.67
C ALA A 38 -7.49 -8.41 22.25
N GLY A 39 -7.04 -7.40 21.52
CA GLY A 39 -5.99 -6.54 22.02
C GLY A 39 -4.61 -7.15 21.95
N THR A 40 -4.45 -8.30 21.30
CA THR A 40 -3.14 -8.94 21.18
C THR A 40 -2.77 -9.17 19.73
N THR A 41 -1.46 -9.26 19.50
CA THR A 41 -0.90 -9.60 18.21
C THR A 41 -0.74 -11.10 18.11
N LEU A 42 -1.13 -11.67 16.96
CA LEU A 42 -0.67 -13.00 16.60
C LEU A 42 0.81 -12.86 16.25
N ASP A 43 1.65 -13.08 17.25
CA ASP A 43 3.06 -12.66 17.20
C ASP A 43 3.91 -13.82 16.70
N LEU A 44 4.20 -13.78 15.41
CA LEU A 44 5.08 -14.73 14.75
C LEU A 44 6.39 -14.06 14.35
N THR A 45 6.84 -13.14 15.19
CA THR A 45 8.16 -12.55 14.98
C THR A 45 9.24 -13.45 15.53
N GLY A 46 10.47 -13.23 15.07
CA GLY A 46 11.59 -13.97 15.62
C GLY A 46 11.66 -15.41 15.18
N LEU A 47 11.13 -15.73 14.01
CA LEU A 47 11.14 -17.12 13.55
C LEU A 47 12.56 -17.54 13.19
N THR A 48 12.80 -18.85 13.31
CA THR A 48 14.07 -19.41 12.86
C THR A 48 14.14 -19.36 11.34
N SER A 49 15.30 -18.99 10.82
N SER A 49 15.30 -18.99 10.82
CA SER A 49 15.46 -18.87 9.39
CA SER A 49 15.48 -18.88 9.38
C SER A 49 15.09 -20.17 8.69
C SER A 49 15.09 -20.18 8.69
N GLY A 50 14.36 -20.06 7.58
CA GLY A 50 13.89 -21.20 6.84
C GLY A 50 12.47 -21.62 7.12
N THR A 51 11.84 -21.08 8.17
CA THR A 51 10.53 -21.53 8.60
C THR A 51 9.46 -21.20 7.57
N ARG A 52 8.51 -22.12 7.40
CA ARG A 52 7.34 -21.92 6.56
CA ARG A 52 7.34 -21.93 6.57
C ARG A 52 6.12 -21.78 7.47
N VAL A 53 5.29 -20.78 7.19
CA VAL A 53 4.09 -20.47 7.96
C VAL A 53 2.90 -20.58 7.02
N ILE A 54 1.90 -21.40 7.39
CA ILE A 54 0.72 -21.63 6.56
C ILE A 54 -0.52 -21.22 7.35
N PHE A 55 -1.29 -20.29 6.80
CA PHE A 55 -2.59 -19.93 7.35
C PHE A 55 -3.66 -20.80 6.70
N GLU A 56 -4.46 -21.45 7.54
CA GLU A 56 -5.55 -22.32 7.08
C GLU A 56 -6.85 -21.87 7.72
N GLY A 57 -7.95 -22.12 7.01
CA GLY A 57 -9.24 -21.76 7.57
C GLY A 57 -9.39 -20.26 7.69
N THR A 58 -10.14 -19.84 8.71
CA THR A 58 -10.43 -18.44 8.96
C THR A 58 -9.77 -18.03 10.27
N THR A 59 -8.84 -17.08 10.18
CA THR A 59 -8.26 -16.46 11.37
C THR A 59 -9.14 -15.28 11.75
N THR A 60 -9.50 -15.19 13.03
CA THR A 60 -10.34 -14.10 13.51
C THR A 60 -9.64 -13.41 14.68
N PHE A 61 -10.21 -12.28 15.11
CA PHE A 61 -9.57 -11.41 16.08
C PHE A 61 -10.61 -10.84 17.02
N GLY A 62 -10.31 -10.83 18.32
CA GLY A 62 -11.22 -10.23 19.28
C GLY A 62 -11.30 -8.73 19.16
N TYR A 63 -12.39 -8.16 19.66
CA TYR A 63 -12.61 -6.73 19.55
C TYR A 63 -11.99 -5.96 20.71
N GLN A 64 -11.21 -4.93 20.38
CA GLN A 64 -10.68 -3.99 21.35
C GLN A 64 -10.21 -2.77 20.59
N GLU A 65 -10.34 -1.60 21.21
CA GLU A 65 -9.80 -0.38 20.63
C GLU A 65 -8.32 -0.31 20.96
N TRP A 66 -7.46 -0.52 19.97
CA TRP A 66 -6.02 -0.47 20.15
C TRP A 66 -5.41 -0.33 18.76
N SER A 67 -4.10 -0.11 18.73
N SER A 67 -4.09 -0.10 18.73
CA SER A 67 -3.42 0.27 17.49
CA SER A 67 -3.42 0.26 17.48
C SER A 67 -2.84 -0.92 16.72
C SER A 67 -2.79 -0.91 16.74
N GLY A 68 -2.86 -2.13 17.27
CA GLY A 68 -2.32 -3.27 16.58
C GLY A 68 -0.82 -3.40 16.74
N PRO A 69 -0.19 -4.29 15.95
CA PRO A 69 -0.78 -5.02 14.83
C PRO A 69 -1.53 -6.28 15.24
N LEU A 70 -2.51 -6.65 14.40
CA LEU A 70 -3.22 -7.91 14.62
C LEU A 70 -2.32 -9.12 14.37
N VAL A 71 -1.42 -9.03 13.39
CA VAL A 71 -0.52 -10.10 13.00
C VAL A 71 0.85 -9.50 12.75
N SER A 72 1.91 -10.19 13.15
CA SER A 72 3.25 -9.72 12.85
C SER A 72 4.16 -10.92 12.62
N ILE A 73 4.94 -10.88 11.55
CA ILE A 73 5.85 -11.97 11.19
C ILE A 73 7.21 -11.36 10.89
N SER A 74 8.27 -11.99 11.39
CA SER A 74 9.62 -11.52 11.08
C SER A 74 10.58 -12.69 11.10
N GLY A 75 11.73 -12.49 10.48
CA GLY A 75 12.75 -13.51 10.34
C GLY A 75 13.37 -13.43 8.98
N THR A 76 14.35 -14.28 8.72
CA THR A 76 15.04 -14.32 7.44
C THR A 76 14.69 -15.63 6.76
N ASP A 77 14.52 -15.59 5.44
N ASP A 77 14.50 -15.58 5.44
CA ASP A 77 14.21 -16.79 4.65
CA ASP A 77 14.20 -16.78 4.66
C ASP A 77 12.93 -17.47 5.12
C ASP A 77 12.94 -17.46 5.17
N ILE A 78 11.90 -16.67 5.38
CA ILE A 78 10.60 -17.17 5.83
C ILE A 78 9.67 -17.27 4.63
N THR A 79 8.92 -18.35 4.56
CA THR A 79 7.91 -18.53 3.50
C THR A 79 6.54 -18.52 4.17
N VAL A 80 5.74 -17.48 3.89
CA VAL A 80 4.39 -17.36 4.44
C VAL A 80 3.39 -17.66 3.33
N GLN A 81 2.41 -18.51 3.63
CA GLN A 81 1.45 -18.94 2.62
C GLN A 81 0.05 -18.94 3.20
N GLY A 82 -0.93 -18.59 2.37
CA GLY A 82 -2.31 -18.85 2.65
C GLY A 82 -2.75 -20.09 1.91
N ALA A 83 -3.27 -21.06 2.66
CA ALA A 83 -3.82 -22.24 2.04
C ALA A 83 -5.05 -21.86 1.23
N SER A 84 -5.39 -22.72 0.26
CA SER A 84 -6.57 -22.50 -0.55
CA SER A 84 -6.57 -22.50 -0.55
CA SER A 84 -6.58 -22.49 -0.55
C SER A 84 -7.80 -22.29 0.34
N GLY A 85 -8.54 -21.22 0.08
CA GLY A 85 -9.73 -20.91 0.84
C GLY A 85 -9.50 -20.23 2.17
N SER A 86 -8.24 -20.00 2.56
CA SER A 86 -7.97 -19.37 3.84
C SER A 86 -8.27 -17.88 3.78
N VAL A 87 -8.61 -17.32 4.94
CA VAL A 87 -8.86 -15.89 5.05
CA VAL A 87 -8.93 -15.90 5.08
C VAL A 87 -8.45 -15.44 6.44
N LEU A 88 -7.89 -14.23 6.50
CA LEU A 88 -7.66 -13.54 7.76
C LEU A 88 -8.74 -12.48 7.83
N ASP A 89 -9.74 -12.70 8.68
CA ASP A 89 -10.96 -11.89 8.69
C ASP A 89 -10.89 -10.94 9.87
N GLY A 90 -10.66 -9.67 9.58
CA GLY A 90 -10.60 -8.67 10.63
C GLY A 90 -11.94 -8.24 11.18
N ASP A 91 -13.03 -8.54 10.48
CA ASP A 91 -14.37 -8.09 10.87
C ASP A 91 -14.33 -6.61 11.26
N GLY A 92 -13.76 -5.81 10.37
CA GLY A 92 -13.43 -4.43 10.66
C GLY A 92 -14.62 -3.55 10.90
N ALA A 93 -15.82 -3.96 10.47
CA ALA A 93 -17.01 -3.14 10.72
C ALA A 93 -17.26 -2.94 12.20
N ARG A 94 -16.69 -3.78 13.07
CA ARG A 94 -16.79 -3.55 14.50
C ARG A 94 -16.15 -2.23 14.92
N TRP A 95 -15.15 -1.77 14.17
CA TRP A 95 -14.47 -0.51 14.43
C TRP A 95 -14.89 0.61 13.50
N TRP A 96 -15.24 0.29 12.24
CA TRP A 96 -15.41 1.32 11.23
C TRP A 96 -16.42 2.37 11.67
N ASP A 97 -16.03 3.63 11.49
CA ASP A 97 -16.88 4.74 11.90
C ASP A 97 -16.68 5.93 10.97
N GLY A 98 -16.19 5.68 9.75
CA GLY A 98 -15.92 6.71 8.78
C GLY A 98 -14.66 7.50 9.02
N GLN A 99 -13.97 7.29 10.13
CA GLN A 99 -12.87 8.15 10.52
C GLN A 99 -11.51 7.50 10.46
N GLY A 100 -11.46 6.17 10.33
CA GLY A 100 -10.18 5.52 10.10
C GLY A 100 -9.19 5.85 11.19
N SER A 101 -7.97 6.19 10.78
CA SER A 101 -6.94 6.55 11.74
C SER A 101 -6.92 8.05 12.06
N ASN A 102 -7.92 8.80 11.61
CA ASN A 102 -8.00 10.24 11.84
C ASN A 102 -8.89 10.61 13.02
N GLY A 103 -9.64 9.67 13.57
CA GLY A 103 -10.52 9.99 14.68
C GLY A 103 -11.36 8.79 15.05
N GLY A 104 -12.32 9.05 15.93
CA GLY A 104 -13.22 7.98 16.36
C GLY A 104 -12.51 6.94 17.19
N LYS A 105 -12.89 5.68 16.99
CA LYS A 105 -12.29 4.58 17.73
C LYS A 105 -10.84 4.40 17.33
N THR A 106 -10.02 3.96 18.28
CA THR A 106 -8.67 3.52 17.96
C THR A 106 -8.74 2.14 17.30
N LYS A 107 -8.11 2.01 16.13
CA LYS A 107 -8.31 0.85 15.28
C LYS A 107 -6.98 0.17 14.98
N PRO A 108 -6.93 -1.16 15.01
CA PRO A 108 -5.63 -1.84 14.90
C PRO A 108 -5.17 -2.06 13.46
N LYS A 109 -3.93 -1.67 13.17
CA LYS A 109 -3.30 -2.04 11.92
C LYS A 109 -3.23 -3.57 11.81
N PHE A 110 -3.27 -4.08 10.57
CA PHE A 110 -3.49 -5.52 10.41
C PHE A 110 -2.22 -6.36 10.50
N PHE A 111 -1.24 -6.11 9.63
CA PHE A 111 -0.21 -7.10 9.35
C PHE A 111 1.14 -6.40 9.24
N TYR A 112 2.01 -6.60 10.24
CA TYR A 112 3.36 -6.07 10.18
C TYR A 112 4.28 -7.08 9.51
N ALA A 113 4.99 -6.61 8.51
CA ALA A 113 6.09 -7.34 7.88
C ALA A 113 7.33 -6.48 8.06
N HIS A 114 7.80 -6.41 9.30
CA HIS A 114 8.98 -5.64 9.67
C HIS A 114 10.13 -6.63 9.85
N SER A 115 11.21 -6.41 9.12
CA SER A 115 12.37 -7.32 9.17
C SER A 115 11.97 -8.75 8.80
N LEU A 116 11.09 -8.86 7.81
CA LEU A 116 10.73 -10.15 7.21
C LEU A 116 11.54 -10.19 5.91
N ASP A 117 12.80 -10.61 6.04
CA ASP A 117 13.83 -10.33 5.05
C ASP A 117 14.17 -11.59 4.26
N SER A 118 14.49 -11.41 2.98
CA SER A 118 14.75 -12.54 2.08
C SER A 118 13.65 -13.58 2.20
N SER A 119 12.41 -13.10 2.14
CA SER A 119 11.24 -13.87 2.52
C SER A 119 10.15 -13.64 1.48
N SER A 120 9.04 -14.37 1.65
CA SER A 120 7.91 -14.26 0.74
C SER A 120 6.59 -14.44 1.49
N ILE A 121 5.55 -13.77 0.99
CA ILE A 121 4.17 -13.96 1.43
C ILE A 121 3.35 -14.22 0.18
N THR A 122 2.62 -15.34 0.16
CA THR A 122 1.88 -15.74 -1.04
C THR A 122 0.49 -16.23 -0.70
N GLY A 123 -0.51 -15.75 -1.43
CA GLY A 123 -1.83 -16.34 -1.35
C GLY A 123 -2.62 -16.00 -0.11
N ILE A 124 -2.25 -14.92 0.58
CA ILE A 124 -2.96 -14.46 1.77
C ILE A 124 -4.15 -13.62 1.32
N THR A 125 -5.32 -13.90 1.90
CA THR A 125 -6.50 -13.07 1.73
C THR A 125 -6.83 -12.41 3.06
N ILE A 126 -6.94 -11.08 3.04
CA ILE A 126 -7.37 -10.29 4.18
C ILE A 126 -8.77 -9.80 3.89
N LYS A 127 -9.67 -9.97 4.85
CA LYS A 127 -11.04 -9.50 4.69
C LYS A 127 -11.35 -8.48 5.78
N ASN A 128 -11.89 -7.34 5.38
CA ASN A 128 -12.42 -6.33 6.30
C ASN A 128 -11.43 -5.92 7.39
N SER A 129 -10.32 -5.37 6.93
CA SER A 129 -9.34 -4.83 7.87
C SER A 129 -9.92 -3.65 8.64
N PRO A 130 -9.64 -3.53 9.95
CA PRO A 130 -10.09 -2.34 10.68
C PRO A 130 -9.59 -1.04 10.09
N VAL A 131 -8.34 -1.02 9.63
N VAL A 131 -8.30 -0.97 9.72
CA VAL A 131 -7.71 0.16 9.08
CA VAL A 131 -7.69 0.19 9.07
C VAL A 131 -6.64 -0.31 8.11
C VAL A 131 -6.66 -0.28 8.06
N GLN A 132 -5.42 0.21 8.17
CA GLN A 132 -4.39 -0.17 7.19
C GLN A 132 -4.05 -1.65 7.29
N VAL A 133 -3.64 -2.23 6.16
CA VAL A 133 -3.41 -3.67 6.07
C VAL A 133 -1.93 -4.01 6.30
N PHE A 134 -1.11 -3.98 5.24
CA PHE A 134 0.29 -4.37 5.36
C PHE A 134 1.17 -3.17 5.66
N SER A 135 1.98 -3.28 6.71
CA SER A 135 3.05 -2.33 7.01
C SER A 135 4.35 -3.05 6.70
N ILE A 136 5.01 -2.62 5.63
CA ILE A 136 6.18 -3.30 5.11
C ILE A 136 7.42 -2.47 5.42
N GLN A 137 8.34 -3.07 6.20
N GLN A 137 8.35 -3.07 6.19
CA GLN A 137 9.63 -2.45 6.52
CA GLN A 137 9.63 -2.45 6.52
C GLN A 137 10.64 -3.60 6.50
C GLN A 137 10.68 -3.56 6.51
N SER A 138 11.05 -4.01 5.30
CA SER A 138 11.84 -5.22 5.14
C SER A 138 12.76 -5.06 3.92
N ASN A 139 13.67 -6.01 3.78
CA ASN A 139 14.55 -6.11 2.62
C ASN A 139 14.35 -7.44 1.93
N ASN A 140 14.20 -7.40 0.60
N ASN A 140 14.17 -7.38 0.60
CA ASN A 140 14.07 -8.62 -0.20
CA ASN A 140 14.08 -8.58 -0.22
C ASN A 140 12.85 -9.43 0.21
C ASN A 140 12.86 -9.42 0.15
N LEU A 141 11.68 -8.81 0.05
CA LEU A 141 10.43 -9.43 0.43
C LEU A 141 9.47 -9.37 -0.75
N SER A 142 8.91 -10.52 -1.12
N SER A 142 8.93 -10.52 -1.12
CA SER A 142 7.92 -10.59 -2.19
CA SER A 142 7.92 -10.61 -2.16
C SER A 142 6.56 -10.89 -1.61
C SER A 142 6.55 -10.82 -1.53
N LEU A 143 5.53 -10.24 -2.17
CA LEU A 143 4.15 -10.43 -1.78
C LEU A 143 3.36 -10.74 -3.05
N THR A 144 2.92 -11.99 -3.19
CA THR A 144 2.38 -12.49 -4.44
C THR A 144 0.98 -13.05 -4.22
N ASP A 145 0.06 -12.75 -5.14
CA ASP A 145 -1.31 -13.26 -5.08
C ASP A 145 -1.99 -12.88 -3.76
N ILE A 146 -1.80 -11.64 -3.34
CA ILE A 146 -2.44 -11.13 -2.14
C ILE A 146 -3.79 -10.56 -2.52
N THR A 147 -4.81 -10.84 -1.71
CA THR A 147 -6.13 -10.25 -1.90
C THR A 147 -6.51 -9.46 -0.65
N VAL A 148 -6.91 -8.21 -0.84
CA VAL A 148 -7.50 -7.40 0.21
C VAL A 148 -8.95 -7.17 -0.16
N ASP A 149 -9.85 -7.82 0.58
CA ASP A 149 -11.29 -7.69 0.37
C ASP A 149 -11.87 -6.80 1.47
N ASP A 150 -11.86 -5.49 1.21
CA ASP A 150 -12.48 -4.52 2.11
C ASP A 150 -13.71 -3.88 1.49
N ALA A 151 -14.34 -4.56 0.52
CA ALA A 151 -15.47 -3.96 -0.18
C ALA A 151 -16.60 -3.55 0.76
N ASP A 152 -16.84 -4.31 1.83
CA ASP A 152 -17.85 -3.91 2.80
C ASP A 152 -17.60 -2.51 3.33
N GLY A 153 -16.33 -2.09 3.38
CA GLY A 153 -16.00 -0.76 3.86
C GLY A 153 -16.53 0.37 2.99
N ASP A 154 -16.95 0.08 1.75
CA ASP A 154 -17.48 1.12 0.88
C ASP A 154 -18.76 1.70 1.46
N THR A 155 -19.57 0.88 2.11
CA THR A 155 -20.85 1.29 2.65
C THR A 155 -20.90 1.27 4.17
N GLN A 156 -19.92 0.66 4.84
CA GLN A 156 -19.98 0.47 6.28
C GLN A 156 -18.98 1.33 7.04
N GLY A 157 -18.38 2.32 6.39
CA GLY A 157 -17.56 3.30 7.08
C GLY A 157 -16.07 3.06 7.06
N GLY A 158 -15.57 2.23 6.14
CA GLY A 158 -14.14 2.00 6.07
C GLY A 158 -13.40 3.25 5.61
N HIS A 159 -12.20 3.44 6.18
CA HIS A 159 -11.40 4.63 5.90
C HIS A 159 -9.96 4.32 6.27
N ASN A 160 -9.01 4.86 5.50
CA ASN A 160 -7.59 4.60 5.76
C ASN A 160 -7.25 3.12 5.68
N THR A 161 -7.96 2.38 4.83
CA THR A 161 -7.73 0.94 4.68
C THR A 161 -6.67 0.65 3.61
N ASP A 162 -5.52 1.33 3.70
CA ASP A 162 -4.42 1.14 2.74
C ASP A 162 -4.07 -0.34 2.64
N ALA A 163 -3.78 -0.81 1.42
CA ALA A 163 -3.39 -2.21 1.28
C ALA A 163 -1.91 -2.44 1.59
N PHE A 164 -1.02 -1.67 0.94
CA PHE A 164 0.42 -1.87 1.10
C PHE A 164 1.09 -0.54 1.42
N ASP A 165 1.51 -0.37 2.67
CA ASP A 165 2.29 0.80 3.09
C ASP A 165 3.74 0.38 3.22
N ILE A 166 4.63 1.08 2.51
CA ILE A 166 6.05 0.71 2.44
C ILE A 166 6.90 1.86 2.96
N GLY A 167 7.81 1.54 3.86
CA GLY A 167 8.82 2.50 4.29
C GLY A 167 10.07 1.76 4.69
N SER A 168 11.20 2.45 4.60
CA SER A 168 12.47 1.89 5.07
C SER A 168 12.69 0.47 4.58
N SER A 169 12.48 0.27 3.28
CA SER A 169 12.47 -1.05 2.69
C SER A 169 13.32 -1.04 1.44
N THR A 170 13.84 -2.21 1.06
CA THR A 170 14.51 -2.38 -0.20
C THR A 170 14.06 -3.70 -0.82
N TYR A 171 14.07 -3.74 -2.15
CA TYR A 171 13.79 -4.97 -2.90
C TYR A 171 12.47 -5.60 -2.47
N ILE A 172 11.41 -4.79 -2.56
CA ILE A 172 10.04 -5.25 -2.34
C ILE A 172 9.41 -5.50 -3.70
N THR A 173 8.82 -6.67 -3.88
CA THR A 173 8.12 -7.00 -5.12
C THR A 173 6.71 -7.45 -4.78
N ILE A 174 5.72 -6.75 -5.32
CA ILE A 174 4.31 -7.08 -5.13
C ILE A 174 3.75 -7.46 -6.50
N THR A 175 3.22 -8.68 -6.60
CA THR A 175 2.80 -9.25 -7.87
C THR A 175 1.37 -9.77 -7.76
N ASN A 176 0.53 -9.36 -8.71
CA ASN A 176 -0.82 -9.90 -8.82
C ASN A 176 -1.66 -9.64 -7.58
N ALA A 177 -1.53 -8.46 -6.99
CA ALA A 177 -2.42 -8.09 -5.90
C ALA A 177 -3.80 -7.75 -6.43
N ASN A 178 -4.82 -8.07 -5.63
CA ASN A 178 -6.19 -7.68 -5.93
CA ASN A 178 -6.19 -7.68 -5.93
C ASN A 178 -6.75 -6.97 -4.70
N VAL A 179 -7.07 -5.70 -4.84
CA VAL A 179 -7.41 -4.84 -3.69
C VAL A 179 -8.73 -4.15 -3.96
N HIS A 180 -9.64 -4.22 -2.99
CA HIS A 180 -10.85 -3.41 -2.97
C HIS A 180 -10.89 -2.77 -1.59
N ASN A 181 -10.67 -1.46 -1.52
CA ASN A 181 -10.49 -0.78 -0.24
C ASN A 181 -10.95 0.67 -0.38
N GLN A 182 -10.54 1.51 0.59
CA GLN A 182 -10.98 2.90 0.66
C GLN A 182 -9.82 3.87 0.79
N ASP A 183 -8.60 3.43 0.54
CA ASP A 183 -7.44 4.33 0.57
C ASP A 183 -6.42 3.80 -0.42
N ASP A 184 -5.17 4.21 -0.28
CA ASP A 184 -4.15 3.87 -1.26
C ASP A 184 -4.05 2.37 -1.47
N CYS A 185 -3.92 1.98 -2.74
CA CYS A 185 -3.61 0.60 -3.07
C CYS A 185 -2.19 0.28 -2.68
N ILE A 186 -1.25 1.12 -3.09
CA ILE A 186 0.12 1.12 -2.60
C ILE A 186 0.42 2.55 -2.16
N ALA A 187 1.16 2.69 -1.07
CA ALA A 187 1.69 3.98 -0.61
C ALA A 187 3.17 3.76 -0.29
N VAL A 188 4.05 4.29 -1.13
CA VAL A 188 5.49 4.17 -0.91
C VAL A 188 5.95 5.41 -0.18
N ASN A 189 6.06 5.33 1.14
CA ASN A 189 6.52 6.47 1.93
C ASN A 189 8.02 6.66 1.83
N SER A 190 8.75 5.56 1.63
CA SER A 190 10.19 5.56 1.46
C SER A 190 10.59 4.16 1.03
N GLY A 191 11.73 4.06 0.38
CA GLY A 191 12.25 2.77 -0.01
C GLY A 191 12.96 2.80 -1.34
N GLU A 192 13.69 1.73 -1.63
CA GLU A 192 14.49 1.66 -2.84
C GLU A 192 14.33 0.30 -3.48
N ASN A 193 14.24 0.29 -4.82
CA ASN A 193 14.13 -0.94 -5.59
C ASN A 193 12.83 -1.67 -5.26
N ILE A 194 11.73 -1.01 -5.63
N ILE A 194 11.73 -1.05 -5.68
CA ILE A 194 10.38 -1.51 -5.37
CA ILE A 194 10.39 -1.52 -5.35
C ILE A 194 9.73 -1.81 -6.70
C ILE A 194 9.63 -1.75 -6.65
N ILE A 195 8.96 -2.89 -6.75
CA ILE A 195 8.16 -3.24 -7.92
C ILE A 195 6.73 -3.58 -7.47
N PHE A 196 5.75 -3.01 -8.15
CA PHE A 196 4.35 -3.41 -8.04
C PHE A 196 3.89 -3.71 -9.45
N THR A 197 3.47 -4.95 -9.70
CA THR A 197 3.13 -5.36 -11.05
C THR A 197 1.91 -6.26 -11.05
N GLY A 198 1.10 -6.14 -12.10
CA GLY A 198 -0.02 -7.04 -12.26
C GLY A 198 -1.16 -6.84 -11.30
N GLY A 199 -1.31 -5.64 -10.75
CA GLY A 199 -2.30 -5.40 -9.72
C GLY A 199 -3.62 -4.91 -10.27
N THR A 200 -4.67 -5.20 -9.52
CA THR A 200 -5.99 -4.63 -9.76
C THR A 200 -6.43 -3.93 -8.48
N CYS A 201 -6.65 -2.62 -8.59
CA CYS A 201 -6.98 -1.77 -7.44
C CYS A 201 -8.33 -1.12 -7.69
N THR A 202 -9.27 -1.32 -6.78
CA THR A 202 -10.57 -0.69 -6.91
C THR A 202 -11.00 -0.09 -5.58
N GLY A 203 -11.81 0.97 -5.67
CA GLY A 203 -12.44 1.57 -4.51
C GLY A 203 -11.62 2.61 -3.77
N GLY A 204 -10.30 2.57 -3.89
CA GLY A 204 -9.41 3.29 -3.00
C GLY A 204 -8.96 4.63 -3.55
N HIS A 205 -7.72 5.00 -3.22
CA HIS A 205 -7.17 6.30 -3.56
C HIS A 205 -6.03 6.23 -4.56
N GLY A 206 -5.77 5.05 -5.14
CA GLY A 206 -4.88 4.94 -6.28
C GLY A 206 -3.54 4.32 -5.95
N LEU A 207 -2.66 4.38 -6.94
CA LEU A 207 -1.31 3.84 -6.87
C LEU A 207 -0.37 5.00 -6.52
N SER A 208 0.03 5.10 -5.25
CA SER A 208 0.68 6.30 -4.74
C SER A 208 2.14 6.11 -4.37
N ILE A 209 2.98 7.03 -4.85
CA ILE A 209 4.24 7.33 -4.21
C ILE A 209 3.94 8.37 -3.15
N GLY A 210 4.28 8.07 -1.90
CA GLY A 210 4.08 9.00 -0.81
C GLY A 210 2.92 8.60 0.08
N SER A 211 2.64 9.46 1.06
CA SER A 211 3.32 10.76 1.23
C SER A 211 4.80 10.61 1.54
N VAL A 212 5.61 11.49 0.97
CA VAL A 212 7.06 11.49 1.17
C VAL A 212 7.40 12.76 1.94
N GLY A 213 8.03 12.57 3.10
CA GLY A 213 8.41 13.69 3.95
C GLY A 213 7.88 13.57 5.35
N GLY A 214 8.54 14.24 6.30
CA GLY A 214 8.06 14.30 7.67
C GLY A 214 8.32 13.08 8.51
N ARG A 215 9.08 12.11 8.01
CA ARG A 215 9.39 10.88 8.74
C ARG A 215 10.90 10.78 8.92
N SER A 216 11.34 9.67 9.52
N SER A 216 11.34 9.67 9.51
CA SER A 216 12.78 9.44 9.62
CA SER A 216 12.78 9.43 9.62
C SER A 216 13.38 9.13 8.25
C SER A 216 13.38 9.12 8.25
N ASP A 217 12.63 8.42 7.41
CA ASP A 217 13.07 8.07 6.07
C ASP A 217 12.14 8.74 5.07
N ASN A 218 12.70 9.60 4.22
CA ASN A 218 11.95 10.36 3.23
C ASN A 218 12.58 10.22 1.85
N THR A 219 13.20 9.08 1.57
CA THR A 219 13.90 8.85 0.31
C THR A 219 13.22 7.72 -0.43
N VAL A 220 12.80 8.00 -1.66
CA VAL A 220 12.24 7.02 -2.58
C VAL A 220 13.13 6.97 -3.81
N LYS A 221 13.59 5.78 -4.18
CA LYS A 221 14.47 5.65 -5.33
C LYS A 221 14.23 4.33 -6.03
N ASN A 222 14.06 4.38 -7.35
CA ASN A 222 13.95 3.19 -8.20
C ASN A 222 12.71 2.35 -7.84
N VAL A 223 11.57 2.90 -8.21
CA VAL A 223 10.28 2.26 -8.00
C VAL A 223 9.60 2.12 -9.35
N THR A 224 9.09 0.92 -9.64
CA THR A 224 8.33 0.66 -10.84
C THR A 224 6.95 0.16 -10.46
N ILE A 225 5.92 0.86 -10.90
CA ILE A 225 4.53 0.48 -10.74
C ILE A 225 4.00 0.26 -12.15
N GLU A 226 3.62 -0.98 -12.47
CA GLU A 226 3.46 -1.34 -13.87
C GLU A 226 2.38 -2.40 -14.05
N HIS A 227 1.86 -2.47 -15.28
CA HIS A 227 0.94 -3.52 -15.70
C HIS A 227 -0.20 -3.69 -14.70
N SER A 228 -0.85 -2.58 -14.37
CA SER A 228 -1.85 -2.60 -13.31
C SER A 228 -3.04 -1.75 -13.74
N THR A 229 -4.17 -1.99 -13.06
N THR A 229 -4.19 -2.04 -13.13
CA THR A 229 -5.43 -1.31 -13.34
CA THR A 229 -5.39 -1.25 -13.36
C THR A 229 -5.97 -0.69 -12.07
C THR A 229 -5.87 -0.64 -12.06
N VAL A 230 -6.45 0.56 -12.19
CA VAL A 230 -7.07 1.28 -11.07
C VAL A 230 -8.46 1.69 -11.51
N THR A 231 -9.48 1.26 -10.77
CA THR A 231 -10.85 1.55 -11.15
C THR A 231 -11.63 2.06 -9.95
N ASN A 232 -12.60 2.92 -10.23
CA ASN A 232 -13.55 3.34 -9.21
C ASN A 232 -12.82 3.84 -7.95
N SER A 233 -11.87 4.73 -8.17
CA SER A 233 -10.96 5.21 -7.13
C SER A 233 -10.90 6.73 -7.21
N GLN A 234 -10.40 7.35 -6.13
N GLN A 234 -10.42 7.33 -6.11
CA GLN A 234 -10.33 8.81 -6.12
CA GLN A 234 -10.28 8.78 -6.04
C GLN A 234 -9.24 9.31 -7.06
C GLN A 234 -9.26 9.29 -7.05
N ASN A 235 -8.12 8.61 -7.14
CA ASN A 235 -7.04 8.96 -8.05
C ASN A 235 -6.58 7.70 -8.78
N GLY A 236 -5.96 7.90 -9.93
CA GLY A 236 -5.35 6.79 -10.63
C GLY A 236 -3.89 6.61 -10.22
N VAL A 237 -3.06 7.53 -10.71
CA VAL A 237 -1.62 7.59 -10.43
C VAL A 237 -1.41 8.83 -9.57
N ARG A 238 -0.70 8.68 -8.44
CA ARG A 238 -0.49 9.81 -7.54
C ARG A 238 0.92 9.81 -6.98
N ILE A 239 1.55 10.99 -6.99
CA ILE A 239 2.75 11.24 -6.19
C ILE A 239 2.43 12.40 -5.27
N LYS A 240 2.62 12.19 -3.96
CA LYS A 240 2.31 13.22 -2.96
C LYS A 240 3.54 13.43 -2.08
N THR A 241 4.05 14.65 -2.08
CA THR A 241 5.13 15.01 -1.18
C THR A 241 4.63 16.05 -0.19
N VAL A 242 5.10 15.93 1.05
CA VAL A 242 4.54 16.69 2.17
C VAL A 242 4.94 18.15 2.08
N TYR A 243 3.97 19.04 2.28
CA TYR A 243 4.21 20.47 2.34
C TYR A 243 5.31 20.81 3.33
N GLY A 244 6.35 21.50 2.86
CA GLY A 244 7.41 21.97 3.70
C GLY A 244 8.41 20.93 4.15
N ALA A 245 8.32 19.71 3.64
CA ALA A 245 9.20 18.63 4.08
C ALA A 245 10.48 18.57 3.26
N THR A 246 11.39 17.70 3.69
CA THR A 246 12.65 17.46 3.02
C THR A 246 12.77 15.97 2.71
N GLY A 247 13.17 15.66 1.48
CA GLY A 247 13.28 14.28 1.05
C GLY A 247 13.65 14.25 -0.42
N SER A 248 13.47 13.08 -1.04
N SER A 248 13.45 13.08 -1.04
CA SER A 248 13.72 13.01 -2.48
CA SER A 248 13.80 12.88 -2.44
C SER A 248 13.02 11.80 -3.07
C SER A 248 12.93 11.80 -3.04
N VAL A 249 12.53 11.98 -4.29
CA VAL A 249 11.83 10.95 -5.06
C VAL A 249 12.53 10.90 -6.41
N SER A 250 13.19 9.79 -6.72
CA SER A 250 13.91 9.72 -7.98
C SER A 250 13.77 8.34 -8.61
N GLU A 251 13.86 8.31 -9.94
CA GLU A 251 13.82 7.07 -10.70
C GLU A 251 12.55 6.28 -10.44
N VAL A 252 11.43 6.95 -10.58
CA VAL A 252 10.11 6.33 -10.46
C VAL A 252 9.55 6.15 -11.85
N THR A 253 8.98 4.97 -12.12
CA THR A 253 8.34 4.68 -13.39
C THR A 253 6.94 4.15 -13.15
N TYR A 254 5.96 4.76 -13.79
CA TYR A 254 4.62 4.18 -13.94
C TYR A 254 4.50 3.78 -15.40
N SER A 255 4.22 2.51 -15.65
N SER A 255 4.20 2.51 -15.65
CA SER A 255 4.15 2.05 -17.03
CA SER A 255 4.21 1.98 -17.01
C SER A 255 3.02 1.06 -17.21
C SER A 255 3.03 1.04 -17.19
N ASN A 256 2.31 1.17 -18.32
CA ASN A 256 1.22 0.25 -18.64
C ASN A 256 0.18 0.21 -17.52
N ILE A 257 -0.34 1.39 -17.19
CA ILE A 257 -1.39 1.57 -16.21
C ILE A 257 -2.66 1.93 -16.95
N GLN A 258 -3.75 1.24 -16.65
CA GLN A 258 -5.07 1.60 -17.16
C GLN A 258 -5.96 2.03 -16.01
N MET A 259 -6.82 3.02 -16.25
CA MET A 259 -7.72 3.50 -15.22
C MET A 259 -9.09 3.81 -15.81
N SER A 260 -10.11 3.73 -14.94
N SER A 260 -10.10 3.78 -14.93
CA SER A 260 -11.44 4.17 -15.32
CA SER A 260 -11.49 4.01 -15.29
C SER A 260 -12.21 4.43 -14.04
C SER A 260 -12.27 4.36 -14.03
N GLY A 261 -13.29 5.20 -14.17
CA GLY A 261 -14.11 5.54 -13.01
C GLY A 261 -13.39 6.31 -11.93
N ILE A 262 -12.48 7.20 -12.31
CA ILE A 262 -11.68 7.96 -11.35
C ILE A 262 -12.43 9.23 -10.98
N ALA A 263 -12.57 9.47 -9.67
CA ALA A 263 -13.47 10.52 -9.19
C ALA A 263 -12.82 11.90 -9.13
N ASN A 264 -11.53 11.99 -8.79
CA ASN A 264 -10.89 13.27 -8.54
C ASN A 264 -9.79 13.60 -9.54
N TYR A 265 -8.75 12.77 -9.62
CA TYR A 265 -7.61 13.05 -10.51
C TYR A 265 -7.15 11.78 -11.18
N GLY A 266 -7.08 11.77 -12.52
CA GLY A 266 -6.48 10.64 -13.20
C GLY A 266 -5.02 10.47 -12.84
N ILE A 267 -4.25 11.54 -12.98
CA ILE A 267 -2.86 11.63 -12.55
C ILE A 267 -2.75 12.88 -11.70
N VAL A 268 -2.20 12.75 -10.50
CA VAL A 268 -1.98 13.90 -9.63
C VAL A 268 -0.58 13.80 -9.03
N ILE A 269 0.22 14.84 -9.23
CA ILE A 269 1.55 14.94 -8.66
C ILE A 269 1.56 16.27 -7.93
N GLU A 270 1.66 16.25 -6.61
CA GLU A 270 1.55 17.49 -5.86
C GLU A 270 2.52 17.55 -4.70
N GLN A 271 3.11 18.73 -4.50
CA GLN A 271 4.15 18.95 -3.51
C GLN A 271 3.65 19.85 -2.38
N ASP A 272 2.34 19.89 -2.19
CA ASP A 272 1.66 20.65 -1.14
C ASP A 272 0.88 19.73 -0.19
N TYR A 273 1.22 18.44 -0.16
CA TYR A 273 0.35 17.48 0.49
C TYR A 273 0.39 17.63 2.01
N GLU A 274 -0.78 17.51 2.64
CA GLU A 274 -0.91 17.26 4.06
C GLU A 274 -2.02 16.25 4.25
N ASN A 275 -1.96 15.50 5.36
N ASN A 275 -1.93 15.49 5.34
CA ASN A 275 -2.94 14.43 5.58
CA ASN A 275 -2.92 14.45 5.64
C ASN A 275 -4.36 14.97 5.67
C ASN A 275 -4.34 15.01 5.61
N GLY A 276 -4.54 16.15 6.26
CA GLY A 276 -5.86 16.73 6.38
C GLY A 276 -6.40 17.23 5.06
N SER A 277 -5.62 18.08 4.41
CA SER A 277 -5.95 18.64 3.11
CA SER A 277 -5.95 18.62 3.10
C SER A 277 -4.70 19.31 2.55
N PRO A 278 -4.44 19.19 1.26
CA PRO A 278 -3.27 19.88 0.69
C PRO A 278 -3.43 21.38 0.85
N THR A 279 -2.30 22.10 0.90
CA THR A 279 -2.34 23.53 1.18
C THR A 279 -2.72 24.36 -0.03
N GLY A 280 -2.54 23.84 -1.24
CA GLY A 280 -2.68 24.62 -2.44
C GLY A 280 -1.44 25.35 -2.89
N THR A 281 -0.38 25.37 -2.08
CA THR A 281 0.87 26.03 -2.42
C THR A 281 1.99 25.03 -2.26
N PRO A 282 2.72 24.70 -3.32
CA PRO A 282 3.76 23.67 -3.21
C PRO A 282 5.05 24.24 -2.61
N THR A 283 5.87 23.35 -2.10
CA THR A 283 7.21 23.66 -1.64
C THR A 283 8.20 22.81 -2.44
N ASN A 284 9.49 23.06 -2.25
CA ASN A 284 10.50 22.50 -3.15
C ASN A 284 11.58 21.69 -2.44
N GLY A 285 11.29 21.20 -1.23
CA GLY A 285 12.25 20.42 -0.49
C GLY A 285 12.25 18.92 -0.75
N VAL A 286 11.30 18.42 -1.53
CA VAL A 286 11.23 17.00 -1.89
C VAL A 286 11.30 16.87 -3.41
N PRO A 287 12.47 17.04 -4.02
CA PRO A 287 12.53 17.02 -5.49
C PRO A 287 12.10 15.67 -6.06
N ILE A 288 11.34 15.74 -7.16
CA ILE A 288 10.90 14.58 -7.94
C ILE A 288 11.66 14.63 -9.26
N THR A 289 12.61 13.72 -9.44
CA THR A 289 13.48 13.72 -10.61
C THR A 289 13.46 12.35 -11.27
N ASP A 290 13.70 12.35 -12.58
CA ASP A 290 13.74 11.10 -13.34
C ASP A 290 12.44 10.30 -13.14
N LEU A 291 11.32 10.99 -13.32
CA LEU A 291 10.01 10.36 -13.31
C LEU A 291 9.64 10.00 -14.74
N THR A 292 9.29 8.74 -14.97
CA THR A 292 8.83 8.26 -16.27
C THR A 292 7.39 7.80 -16.14
N LEU A 293 6.52 8.33 -17.01
CA LEU A 293 5.21 7.74 -17.26
C LEU A 293 5.24 7.23 -18.68
N ASN A 294 4.95 5.94 -18.85
CA ASN A 294 4.97 5.30 -20.17
C ASN A 294 3.69 4.48 -20.30
N THR A 295 2.78 4.94 -21.16
CA THR A 295 1.54 4.22 -21.43
C THR A 295 0.66 4.18 -20.18
N VAL A 296 0.14 5.33 -19.82
CA VAL A 296 -0.77 5.50 -18.70
C VAL A 296 -2.04 6.07 -19.31
N THR A 297 -3.11 5.28 -19.32
CA THR A 297 -4.25 5.57 -20.17
C THR A 297 -5.55 5.24 -19.46
N GLY A 298 -6.61 5.85 -19.95
CA GLY A 298 -7.94 5.49 -19.48
C GLY A 298 -8.83 6.70 -19.38
N SER A 299 -9.78 6.65 -18.46
CA SER A 299 -10.80 7.68 -18.37
C SER A 299 -11.06 8.06 -16.92
N VAL A 300 -11.55 9.28 -16.76
CA VAL A 300 -11.98 9.79 -15.47
C VAL A 300 -13.46 10.17 -15.55
N SER A 301 -14.08 10.31 -14.38
CA SER A 301 -15.50 10.63 -14.30
C SER A 301 -15.75 12.09 -14.71
N SER A 302 -17.02 12.40 -14.99
CA SER A 302 -17.38 13.70 -15.53
C SER A 302 -16.93 14.86 -14.63
N GLY A 303 -16.97 14.68 -13.32
CA GLY A 303 -16.57 15.72 -12.38
C GLY A 303 -15.11 15.71 -11.98
N ALA A 304 -14.30 14.87 -12.60
CA ALA A 304 -12.89 14.74 -12.26
C ALA A 304 -12.02 15.62 -13.14
N THR A 305 -10.76 15.75 -12.72
CA THR A 305 -9.72 16.44 -13.47
C THR A 305 -8.77 15.38 -14.03
N GLU A 306 -8.37 15.53 -15.29
CA GLU A 306 -7.56 14.50 -15.93
C GLU A 306 -6.18 14.41 -15.31
N ILE A 307 -5.43 15.52 -15.31
CA ILE A 307 -4.04 15.57 -14.87
C ILE A 307 -3.84 16.84 -14.07
N TYR A 308 -3.25 16.72 -12.87
CA TYR A 308 -2.96 17.87 -12.03
C TYR A 308 -1.53 17.75 -11.54
N ILE A 309 -0.70 18.75 -11.87
CA ILE A 309 0.70 18.78 -11.47
C ILE A 309 0.92 20.07 -10.72
N LEU A 310 1.27 19.95 -9.44
CA LEU A 310 1.51 21.11 -8.58
C LEU A 310 2.91 20.95 -8.00
N CYS A 311 3.90 21.39 -8.75
CA CYS A 311 5.29 21.29 -8.37
C CYS A 311 5.79 22.61 -7.80
N GLY A 312 6.74 22.52 -6.88
CA GLY A 312 7.45 23.68 -6.39
C GLY A 312 8.49 24.18 -7.39
N SER A 313 9.16 25.26 -7.01
N SER A 313 9.17 25.25 -7.00
CA SER A 313 10.14 25.90 -7.87
CA SER A 313 10.14 25.91 -7.89
C SER A 313 11.42 25.05 -7.90
C SER A 313 11.43 25.10 -7.92
N GLY A 314 11.74 24.51 -9.07
CA GLY A 314 12.95 23.74 -9.25
C GLY A 314 12.90 22.30 -8.77
N SER A 315 11.80 21.87 -8.15
CA SER A 315 11.74 20.56 -7.50
C SER A 315 11.05 19.49 -8.34
N CYS A 316 10.84 19.73 -9.63
CA CYS A 316 10.38 18.68 -10.54
C CYS A 316 11.19 18.83 -11.83
N SER A 317 12.03 17.83 -12.13
CA SER A 317 12.90 17.98 -13.28
C SER A 317 13.23 16.62 -13.88
N SER A 318 13.58 16.63 -15.16
N SER A 318 13.54 16.63 -15.17
CA SER A 318 13.98 15.42 -15.89
CA SER A 318 13.98 15.44 -15.91
C SER A 318 12.88 14.35 -15.85
C SER A 318 12.92 14.34 -15.92
N TRP A 319 11.75 14.68 -16.46
CA TRP A 319 10.65 13.73 -16.59
C TRP A 319 10.50 13.31 -18.04
N THR A 320 10.01 12.10 -18.25
CA THR A 320 9.73 11.55 -19.57
C THR A 320 8.32 10.99 -19.54
N TRP A 321 7.42 11.61 -20.28
N TRP A 321 7.49 11.44 -20.48
CA TRP A 321 6.03 11.15 -20.33
CA TRP A 321 6.03 11.35 -20.42
C TRP A 321 5.70 10.85 -21.77
C TRP A 321 5.51 10.92 -21.80
N THR A 322 5.31 9.61 -22.01
CA THR A 322 5.00 9.11 -23.35
C THR A 322 3.80 8.19 -23.28
N GLY A 323 2.93 8.28 -24.28
CA GLY A 323 1.74 7.43 -24.29
C GLY A 323 0.78 7.70 -23.15
N VAL A 324 0.74 8.92 -22.64
CA VAL A 324 -0.20 9.29 -21.59
C VAL A 324 -1.45 9.85 -22.26
N SER A 325 -2.58 9.19 -22.05
N SER A 325 -2.59 9.20 -22.03
CA SER A 325 -3.84 9.64 -22.64
CA SER A 325 -3.86 9.59 -22.66
C SER A 325 -4.97 9.37 -21.65
C SER A 325 -4.98 9.36 -21.66
N ILE A 326 -5.46 10.43 -21.02
CA ILE A 326 -6.51 10.36 -20.02
C ILE A 326 -7.70 11.15 -20.58
N THR A 327 -8.84 10.48 -20.76
CA THR A 327 -10.04 11.09 -21.32
C THR A 327 -11.09 11.34 -20.23
N GLY A 328 -12.07 12.16 -20.58
CA GLY A 328 -13.17 12.45 -19.67
C GLY A 328 -12.86 13.62 -18.75
N GLY A 329 -13.88 14.02 -18.01
CA GLY A 329 -13.68 15.08 -17.04
C GLY A 329 -13.21 16.37 -17.69
N SER A 330 -12.39 17.11 -16.95
N SER A 330 -12.38 17.12 -16.96
CA SER A 330 -11.93 18.43 -17.36
CA SER A 330 -11.93 18.41 -17.42
C SER A 330 -10.41 18.51 -17.29
C SER A 330 -10.42 18.55 -17.24
N LYS A 331 -9.87 19.52 -17.97
CA LYS A 331 -8.46 19.85 -17.85
C LYS A 331 -8.25 20.76 -16.65
N SER A 332 -7.10 20.62 -16.01
CA SER A 332 -6.81 21.43 -14.83
C SER A 332 -6.49 22.86 -15.22
N THR A 333 -6.95 23.80 -14.39
CA THR A 333 -6.61 25.21 -14.50
C THR A 333 -5.60 25.63 -13.45
N LYS A 334 -4.97 24.68 -12.77
CA LYS A 334 -4.23 24.97 -11.54
C LYS A 334 -2.80 24.44 -11.53
N CYS A 335 -2.30 23.92 -12.65
CA CYS A 335 -0.98 23.30 -12.63
C CYS A 335 0.12 24.35 -12.48
N GLU A 336 1.20 23.95 -11.79
CA GLU A 336 2.30 24.85 -11.53
C GLU A 336 3.63 24.13 -11.74
N ASN A 337 4.59 24.83 -12.36
CA ASN A 337 5.96 24.34 -12.50
C ASN A 337 6.01 22.99 -13.22
N VAL A 338 5.25 22.89 -14.29
CA VAL A 338 5.22 21.66 -15.09
C VAL A 338 6.55 21.50 -15.83
N PRO A 339 7.22 20.36 -15.75
CA PRO A 339 8.52 20.19 -16.40
C PRO A 339 8.42 20.14 -17.92
N SER A 340 9.59 20.33 -18.55
CA SER A 340 9.72 20.18 -19.98
C SER A 340 9.23 18.81 -20.42
N GLY A 341 8.50 18.76 -21.53
CA GLY A 341 8.03 17.51 -22.10
C GLY A 341 6.78 16.95 -21.46
N VAL A 342 6.13 17.71 -20.59
CA VAL A 342 4.99 17.25 -19.81
C VAL A 342 3.87 18.26 -19.96
N SER A 343 2.63 17.79 -19.86
CA SER A 343 1.48 18.69 -19.89
C SER A 343 0.34 18.14 -19.05
N CYS A 344 -0.48 19.05 -18.53
CA CYS A 344 -1.74 18.69 -17.89
C CYS A 344 -2.83 18.61 -18.96
#